data_1ISF
#
_entry.id   1ISF
#
_cell.length_a   58.721
_cell.length_b   112.612
_cell.length_c   130.086
_cell.angle_alpha   90.00
_cell.angle_beta   90.00
_cell.angle_gamma   90.00
#
_symmetry.space_group_name_H-M   'P 21 21 21'
#
loop_
_entity.id
_entity.type
_entity.pdbx_description
1 polymer 'bone marrow stromal cell antigen 1'
2 branched 2-acetamido-2-deoxy-beta-D-glucopyranose-(1-4)-2-acetamido-2-deoxy-beta-D-glucopyranose
3 non-polymer GLYCEROL
4 water water
#
_entity_poly.entity_id   1
_entity_poly.type   'polypeptide(L)'
_entity_poly.pdbx_seq_one_letter_code
;RWRAEGTSAHLRDIFLGRCAEYRALLSPEQRNKDCTAIWEAFKVALDKDPCSVLPSDYDLFITLSRHSIPRDKSLFWENS
HLLVNSFADNTRRFMPLSDVLYGRVADFLSWCRQKADSGLDYQSCPTSEDCENNPVDSFWKRASIQYSKDSSGVIHVMLN
GSEPTGAYPIKGFFADYEIPNLQKEKITRIEIWVMHEIGGPNVESCGEGSMKVLEKRLKDMGFQYSCINDYRPVKLLQCV
DHSTHPDCALKSAAAATQRKAPSLY
;
_entity_poly.pdbx_strand_id   A,B
#
# COMPACT_ATOMS: atom_id res chain seq x y z
N TRP A 2 25.29 12.72 13.40
CA TRP A 2 23.82 12.73 13.63
C TRP A 2 23.30 11.34 13.99
N ARG A 3 22.36 11.31 14.93
CA ARG A 3 21.77 10.06 15.42
C ARG A 3 20.38 9.71 14.87
N ALA A 4 20.27 9.62 13.55
CA ALA A 4 19.00 9.28 12.91
C ALA A 4 19.30 8.97 11.45
N GLU A 5 18.43 8.18 10.82
CA GLU A 5 18.60 7.80 9.43
C GLU A 5 19.01 8.93 8.50
N GLY A 6 19.85 8.58 7.51
CA GLY A 6 20.28 9.57 6.55
C GLY A 6 19.10 9.78 5.63
N THR A 7 19.18 10.78 4.76
CA THR A 7 18.07 11.06 3.87
C THR A 7 17.79 9.81 3.04
N SER A 8 16.53 9.64 2.64
CA SER A 8 16.12 8.49 1.86
C SER A 8 16.72 8.54 0.43
N ALA A 9 17.18 7.39 -0.04
CA ALA A 9 17.75 7.32 -1.38
C ALA A 9 16.65 7.60 -2.41
N HIS A 10 16.99 8.37 -3.43
CA HIS A 10 16.03 8.70 -4.49
C HIS A 10 14.80 9.43 -3.93
N LEU A 11 15.05 10.30 -2.97
CA LEU A 11 14.01 11.08 -2.32
C LEU A 11 13.07 11.75 -3.31
N ARG A 12 13.65 12.43 -4.30
CA ARG A 12 12.85 13.14 -5.29
C ARG A 12 11.89 12.28 -6.11
N ASP A 13 12.38 11.19 -6.68
CA ASP A 13 11.50 10.31 -7.47
C ASP A 13 10.37 9.78 -6.62
N ILE A 14 10.71 9.27 -5.44
CA ILE A 14 9.71 8.73 -4.54
C ILE A 14 8.64 9.78 -4.24
N PHE A 15 9.10 10.95 -3.82
CA PHE A 15 8.23 12.08 -3.50
C PHE A 15 7.30 12.30 -4.69
N LEU A 16 7.88 12.63 -5.84
CA LEU A 16 7.08 12.89 -7.05
C LEU A 16 6.16 11.75 -7.43
N GLY A 17 6.65 10.52 -7.29
CA GLY A 17 5.83 9.37 -7.61
C GLY A 17 4.62 9.33 -6.70
N ARG A 18 4.88 9.36 -5.39
CA ARG A 18 3.80 9.32 -4.41
C ARG A 18 2.81 10.44 -4.65
N CYS A 19 3.33 11.61 -4.99
CA CYS A 19 2.47 12.75 -5.26
C CYS A 19 1.57 12.49 -6.46
N ALA A 20 2.13 11.94 -7.53
CA ALA A 20 1.36 11.66 -8.73
C ALA A 20 0.23 10.67 -8.46
N GLU A 21 0.57 9.56 -7.80
CA GLU A 21 -0.43 8.56 -7.49
C GLU A 21 -1.54 9.10 -6.61
N TYR A 22 -1.18 9.96 -5.67
CA TYR A 22 -2.19 10.51 -4.77
C TYR A 22 -3.17 11.44 -5.48
N ARG A 23 -2.69 12.18 -6.48
CA ARG A 23 -3.58 13.09 -7.21
C ARG A 23 -4.81 12.34 -7.70
N ALA A 24 -4.61 11.14 -8.22
CA ALA A 24 -5.72 10.32 -8.72
C ALA A 24 -6.79 10.11 -7.66
N LEU A 25 -6.37 10.02 -6.40
CA LEU A 25 -7.29 9.82 -5.30
C LEU A 25 -8.11 11.09 -5.06
N LEU A 26 -7.48 12.25 -5.20
CA LEU A 26 -8.18 13.51 -5.01
C LEU A 26 -9.33 13.62 -5.99
N SER A 27 -10.33 14.42 -5.65
CA SER A 27 -11.49 14.63 -6.52
C SER A 27 -11.08 15.68 -7.55
N PRO A 28 -11.62 15.59 -8.77
CA PRO A 28 -11.27 16.55 -9.82
C PRO A 28 -11.31 18.03 -9.40
N GLU A 29 -12.31 18.42 -8.62
CA GLU A 29 -12.43 19.81 -8.18
C GLU A 29 -11.27 20.29 -7.32
N GLN A 30 -10.33 19.39 -7.02
CA GLN A 30 -9.17 19.74 -6.21
C GLN A 30 -7.97 18.92 -6.68
N ARG A 31 -8.17 18.19 -7.77
CA ARG A 31 -7.14 17.33 -8.34
C ARG A 31 -6.01 18.11 -9.00
N ASN A 32 -6.22 19.40 -9.21
CA ASN A 32 -5.18 20.22 -9.83
C ASN A 32 -4.10 20.60 -8.84
N LYS A 33 -3.19 19.67 -8.64
CA LYS A 33 -2.05 19.86 -7.75
C LYS A 33 -0.80 19.78 -8.60
N ASP A 34 0.13 20.71 -8.40
CA ASP A 34 1.37 20.71 -9.16
C ASP A 34 2.44 20.05 -8.31
N CYS A 35 2.65 18.76 -8.53
CA CYS A 35 3.63 18.00 -7.77
C CYS A 35 5.03 18.57 -7.84
N THR A 36 5.42 19.11 -8.99
CA THR A 36 6.75 19.69 -9.08
C THR A 36 6.88 20.92 -8.19
N ALA A 37 5.87 21.80 -8.23
CA ALA A 37 5.86 23.02 -7.41
C ALA A 37 5.81 22.62 -5.95
N ILE A 38 5.05 21.57 -5.65
CA ILE A 38 4.92 21.06 -4.30
C ILE A 38 6.28 20.59 -3.80
N TRP A 39 7.02 19.89 -4.66
CA TRP A 39 8.34 19.38 -4.30
C TRP A 39 9.34 20.51 -4.10
N GLU A 40 9.19 21.60 -4.85
CA GLU A 40 10.12 22.69 -4.71
C GLU A 40 9.89 23.49 -3.42
N ALA A 41 8.65 23.50 -2.94
CA ALA A 41 8.34 24.22 -1.70
C ALA A 41 8.87 23.40 -0.52
N PHE A 42 8.74 22.09 -0.63
CA PHE A 42 9.21 21.16 0.39
C PHE A 42 10.74 21.24 0.44
N LYS A 43 11.33 21.25 -0.76
CA LYS A 43 12.77 21.29 -0.99
C LYS A 43 13.53 22.40 -0.23
N VAL A 44 12.82 23.45 0.17
CA VAL A 44 13.45 24.56 0.87
C VAL A 44 14.23 24.14 2.12
N ALA A 45 13.66 23.21 2.88
CA ALA A 45 14.31 22.74 4.10
C ALA A 45 15.64 22.02 3.82
N LEU A 46 15.84 21.60 2.57
CA LEU A 46 17.06 20.90 2.20
C LEU A 46 18.18 21.88 1.81
N ASP A 47 17.91 23.17 1.96
CA ASP A 47 18.89 24.19 1.63
C ASP A 47 19.42 24.84 2.89
N LYS A 48 18.69 24.67 3.98
CA LYS A 48 19.07 25.24 5.26
C LYS A 48 19.97 24.32 6.07
N ASP A 49 20.35 24.80 7.24
CA ASP A 49 21.18 24.05 8.17
C ASP A 49 20.28 22.96 8.75
N PRO A 50 20.76 21.71 8.83
CA PRO A 50 19.96 20.61 9.37
C PRO A 50 19.40 20.85 10.78
N CYS A 51 19.84 21.93 11.42
CA CYS A 51 19.33 22.24 12.75
C CYS A 51 18.68 23.61 12.80
N SER A 52 18.42 24.18 11.63
CA SER A 52 17.81 25.51 11.54
C SER A 52 16.53 25.53 10.73
N VAL A 53 15.77 24.44 10.78
CA VAL A 53 14.51 24.35 10.05
C VAL A 53 13.34 24.44 11.02
N LEU A 54 12.43 25.38 10.74
CA LEU A 54 11.26 25.61 11.58
C LEU A 54 10.01 25.07 10.91
N PRO A 55 8.97 24.77 11.68
CA PRO A 55 7.74 24.26 11.07
C PRO A 55 7.19 25.21 10.02
N SER A 56 7.35 26.51 10.23
CA SER A 56 6.83 27.49 9.29
C SER A 56 7.52 27.53 7.91
N ASP A 57 8.71 26.93 7.81
CA ASP A 57 9.42 26.91 6.54
C ASP A 57 8.62 26.09 5.53
N TYR A 58 7.77 25.21 6.04
CA TYR A 58 6.97 24.37 5.19
C TYR A 58 5.58 24.94 4.89
N ASP A 59 5.36 26.21 5.23
CA ASP A 59 4.07 26.82 4.97
C ASP A 59 3.64 26.83 3.50
N LEU A 60 4.57 27.16 2.61
CA LEU A 60 4.26 27.18 1.19
C LEU A 60 3.85 25.77 0.80
N PHE A 61 4.68 24.80 1.19
CA PHE A 61 4.41 23.40 0.92
C PHE A 61 2.96 23.06 1.24
N ILE A 62 2.52 23.42 2.44
CA ILE A 62 1.16 23.13 2.87
C ILE A 62 0.12 23.85 2.00
N THR A 63 0.35 25.12 1.74
CA THR A 63 -0.59 25.88 0.92
C THR A 63 -0.78 25.22 -0.44
N LEU A 64 0.30 24.70 -1.01
CA LEU A 64 0.22 24.08 -2.33
C LEU A 64 -0.29 22.65 -2.37
N SER A 65 -0.32 21.98 -1.23
CA SER A 65 -0.77 20.59 -1.17
C SER A 65 -2.01 20.37 -0.30
N ARG A 66 -2.35 21.37 0.50
CA ARG A 66 -3.50 21.26 1.38
C ARG A 66 -4.79 20.93 0.63
N HIS A 67 -5.60 20.06 1.24
CA HIS A 67 -6.90 19.67 0.69
C HIS A 67 -7.78 19.23 1.84
N SER A 68 -9.08 19.17 1.59
CA SER A 68 -10.02 18.80 2.64
C SER A 68 -10.01 17.34 3.02
N ILE A 69 -10.34 17.10 4.29
CA ILE A 69 -10.40 15.77 4.86
C ILE A 69 -11.88 15.51 5.16
N PRO A 70 -12.43 14.40 4.64
CA PRO A 70 -13.84 14.04 4.86
C PRO A 70 -14.22 14.00 6.34
N ARG A 71 -15.44 14.43 6.64
CA ARG A 71 -15.94 14.45 8.01
C ARG A 71 -15.94 13.01 8.54
N ASP A 72 -15.59 12.84 9.81
CA ASP A 72 -15.55 11.53 10.46
C ASP A 72 -14.52 10.58 9.84
N LYS A 73 -13.57 11.11 9.08
CA LYS A 73 -12.57 10.26 8.45
C LYS A 73 -11.15 10.39 9.00
N SER A 74 -10.94 11.33 9.90
CA SER A 74 -9.62 11.51 10.47
C SER A 74 -9.28 10.38 11.44
N LEU A 75 -8.02 9.94 11.40
CA LEU A 75 -7.53 8.88 12.26
C LEU A 75 -6.18 9.28 12.81
N PHE A 76 -6.11 9.64 14.09
CA PHE A 76 -4.83 10.02 14.71
C PHE A 76 -4.22 8.77 15.33
N TRP A 77 -2.97 8.84 15.77
CA TRP A 77 -2.33 7.67 16.37
C TRP A 77 -0.96 7.89 16.99
N GLU A 78 -0.54 6.89 17.75
CA GLU A 78 0.78 6.88 18.39
C GLU A 78 1.19 5.42 18.54
N ASN A 79 2.41 5.09 18.11
CA ASN A 79 2.94 3.74 18.23
C ASN A 79 2.15 2.67 17.48
N SER A 80 1.68 2.98 16.28
CA SER A 80 0.91 2.01 15.52
C SER A 80 0.99 2.30 14.03
N HIS A 81 2.04 2.99 13.63
CA HIS A 81 2.23 3.38 12.23
C HIS A 81 1.80 2.38 11.15
N LEU A 82 2.36 1.17 11.18
CA LEU A 82 2.02 0.18 10.17
C LEU A 82 0.57 -0.31 10.25
N LEU A 83 0.05 -0.47 11.47
CA LEU A 83 -1.31 -0.97 11.62
C LEU A 83 -2.30 0.10 11.14
N VAL A 84 -1.93 1.38 11.28
CA VAL A 84 -2.78 2.47 10.81
C VAL A 84 -2.83 2.54 9.29
N ASN A 85 -1.66 2.51 8.64
CA ASN A 85 -1.62 2.55 7.19
C ASN A 85 -2.35 1.34 6.60
N SER A 86 -2.14 0.19 7.21
CA SER A 86 -2.75 -1.04 6.74
C SER A 86 -4.26 -1.01 6.92
N PHE A 87 -4.70 -0.56 8.08
CA PHE A 87 -6.12 -0.52 8.37
C PHE A 87 -6.83 0.53 7.54
N ALA A 88 -6.24 1.73 7.46
CA ALA A 88 -6.83 2.82 6.68
C ALA A 88 -6.96 2.40 5.21
N ASP A 89 -6.08 1.53 4.76
CA ASP A 89 -6.11 1.00 3.40
C ASP A 89 -6.26 2.02 2.28
N ASN A 90 -5.24 2.87 2.12
CA ASN A 90 -5.21 3.88 1.06
C ASN A 90 -6.46 4.76 0.96
N THR A 91 -6.92 5.29 2.10
CA THR A 91 -8.10 6.15 2.20
C THR A 91 -9.47 5.46 2.10
N ARG A 92 -9.48 4.16 1.83
CA ARG A 92 -10.75 3.42 1.73
C ARG A 92 -11.54 3.44 3.03
N ARG A 93 -10.90 3.04 4.12
CA ARG A 93 -11.53 3.01 5.43
C ARG A 93 -11.41 4.34 6.18
N PHE A 94 -10.19 4.89 6.24
CA PHE A 94 -9.98 6.16 6.92
C PHE A 94 -8.90 6.97 6.26
N MET A 95 -8.77 8.21 6.68
CA MET A 95 -7.77 9.09 6.10
C MET A 95 -6.82 9.67 7.14
N PRO A 96 -5.83 8.86 7.58
CA PRO A 96 -4.86 9.33 8.57
C PRO A 96 -3.91 10.28 7.84
N LEU A 97 -3.01 10.93 8.57
CA LEU A 97 -2.06 11.87 7.96
C LEU A 97 -1.32 11.24 6.78
N SER A 98 -0.87 10.00 6.95
CA SER A 98 -0.14 9.33 5.88
C SER A 98 -0.98 9.21 4.59
N ASP A 99 -2.30 9.35 4.73
CA ASP A 99 -3.20 9.29 3.58
C ASP A 99 -3.86 10.61 3.18
N VAL A 100 -3.12 11.68 3.37
CA VAL A 100 -3.55 13.04 3.04
C VAL A 100 -2.34 13.51 2.22
N LEU A 101 -2.57 14.17 1.09
CA LEU A 101 -1.47 14.57 0.21
C LEU A 101 -0.16 14.99 0.86
N TYR A 102 -0.19 16.00 1.73
CA TYR A 102 1.04 16.48 2.35
C TYR A 102 1.72 15.51 3.32
N GLY A 103 1.02 14.46 3.72
CA GLY A 103 1.59 13.47 4.61
C GLY A 103 2.08 12.27 3.82
N ARG A 104 1.33 11.91 2.78
CA ARG A 104 1.67 10.77 1.91
C ARG A 104 3.06 10.90 1.27
N VAL A 105 3.37 12.09 0.77
CA VAL A 105 4.64 12.30 0.10
C VAL A 105 5.89 12.12 0.95
N ALA A 106 5.76 12.16 2.27
CA ALA A 106 6.92 12.04 3.12
C ALA A 106 6.90 10.88 4.09
N ASP A 107 5.77 10.19 4.18
CA ASP A 107 5.61 9.06 5.10
C ASP A 107 6.80 8.11 5.08
N PHE A 108 7.36 7.84 6.25
CA PHE A 108 8.50 6.91 6.39
C PHE A 108 9.81 7.38 5.80
N LEU A 109 9.83 8.55 5.17
CA LEU A 109 11.08 9.02 4.59
C LEU A 109 11.89 9.84 5.59
N SER A 110 13.13 10.15 5.22
CA SER A 110 14.03 10.95 6.06
C SER A 110 14.76 11.90 5.13
N TRP A 111 15.17 13.05 5.64
CA TRP A 111 15.88 14.01 4.80
C TRP A 111 16.51 15.10 5.64
N CYS A 112 17.60 15.65 5.11
CA CYS A 112 18.31 16.74 5.76
C CYS A 112 19.51 17.06 4.89
N ARG A 113 19.99 18.29 4.98
CA ARG A 113 21.14 18.70 4.21
C ARG A 113 22.37 18.42 5.06
N GLN A 114 23.53 18.32 4.42
CA GLN A 114 24.77 18.07 5.15
C GLN A 114 25.02 19.28 6.05
N LYS A 115 25.69 19.04 7.17
CA LYS A 115 25.99 20.10 8.14
C LYS A 115 26.66 21.31 7.53
N ALA A 116 27.66 21.09 6.68
CA ALA A 116 28.39 22.21 6.07
C ALA A 116 28.34 22.27 4.54
N ASP A 117 28.01 21.15 3.91
CA ASP A 117 27.96 21.10 2.45
C ASP A 117 26.54 21.39 1.93
N SER A 118 26.41 21.64 0.62
CA SER A 118 25.11 21.94 0.03
C SER A 118 24.30 20.70 -0.32
N GLY A 119 24.98 19.59 -0.52
CA GLY A 119 24.29 18.35 -0.87
C GLY A 119 23.54 17.70 0.29
N LEU A 120 22.69 16.73 -0.04
CA LEU A 120 21.91 16.02 0.96
C LEU A 120 22.80 15.07 1.74
N ASP A 121 22.56 14.98 3.05
CA ASP A 121 23.33 14.10 3.92
C ASP A 121 22.72 12.72 3.96
N TYR A 122 23.31 11.75 3.25
CA TYR A 122 22.78 10.41 3.23
C TYR A 122 23.34 9.54 4.34
N GLN A 123 24.29 10.10 5.09
CA GLN A 123 24.93 9.39 6.19
C GLN A 123 23.98 9.32 7.38
N SER A 124 23.57 10.48 7.87
CA SER A 124 22.67 10.55 9.02
C SER A 124 21.97 11.91 9.10
N CYS A 125 20.89 11.97 9.87
CA CYS A 125 20.14 13.22 10.05
C CYS A 125 19.90 13.47 11.53
N PRO A 126 19.94 14.74 11.95
CA PRO A 126 19.73 15.09 13.35
C PRO A 126 18.43 14.58 13.94
N THR A 127 18.50 14.09 15.17
CA THR A 127 17.34 13.59 15.89
C THR A 127 16.90 14.73 16.79
N SER A 128 15.72 14.60 17.39
CA SER A 128 15.24 15.65 18.27
C SER A 128 16.29 16.00 19.32
N GLU A 129 17.05 14.99 19.76
CA GLU A 129 18.07 15.20 20.75
C GLU A 129 19.29 15.91 20.18
N ASP A 130 19.69 15.56 18.96
CA ASP A 130 20.84 16.22 18.33
C ASP A 130 20.55 17.71 18.25
N CYS A 131 19.28 18.04 18.01
CA CYS A 131 18.81 19.43 17.93
C CYS A 131 17.31 19.43 17.62
N GLU A 132 16.60 20.35 18.26
CA GLU A 132 15.15 20.47 18.13
C GLU A 132 14.61 20.79 16.74
N ASN A 133 15.20 21.79 16.09
CA ASN A 133 14.73 22.22 14.77
C ASN A 133 15.33 21.55 13.55
N ASN A 134 15.19 20.24 13.43
CA ASN A 134 15.70 19.52 12.26
C ASN A 134 14.56 19.45 11.23
N PRO A 135 14.89 19.18 9.96
CA PRO A 135 13.87 19.10 8.91
C PRO A 135 12.70 18.14 9.12
N VAL A 136 12.97 16.91 9.53
CA VAL A 136 11.91 15.92 9.72
C VAL A 136 10.93 16.23 10.84
N ASP A 137 11.43 16.63 11.99
CA ASP A 137 10.52 16.93 13.10
C ASP A 137 9.69 18.18 12.83
N SER A 138 10.33 19.24 12.35
CA SER A 138 9.61 20.48 12.06
C SER A 138 8.59 20.23 10.95
N PHE A 139 8.86 19.26 10.10
CA PHE A 139 7.95 18.95 9.01
C PHE A 139 6.66 18.38 9.58
N TRP A 140 6.81 17.34 10.39
CA TRP A 140 5.67 16.67 10.99
C TRP A 140 4.86 17.55 11.92
N LYS A 141 5.52 18.50 12.58
CA LYS A 141 4.84 19.42 13.47
C LYS A 141 3.89 20.26 12.62
N ARG A 142 4.40 20.81 11.52
CA ARG A 142 3.59 21.63 10.63
C ARG A 142 2.48 20.83 9.95
N ALA A 143 2.79 19.60 9.56
CA ALA A 143 1.81 18.73 8.91
C ALA A 143 0.79 18.24 9.94
N SER A 144 1.25 17.92 11.14
CA SER A 144 0.35 17.46 12.18
C SER A 144 -0.63 18.55 12.56
N ILE A 145 -0.15 19.79 12.61
CA ILE A 145 -1.01 20.90 12.95
C ILE A 145 -2.12 21.09 11.92
N GLN A 146 -1.74 21.09 10.64
CA GLN A 146 -2.72 21.27 9.58
C GLN A 146 -3.76 20.17 9.60
N TYR A 147 -3.30 18.94 9.78
CA TYR A 147 -4.18 17.79 9.80
C TYR A 147 -5.25 17.92 10.89
N SER A 148 -4.84 18.31 12.09
CA SER A 148 -5.79 18.48 13.18
C SER A 148 -6.79 19.59 12.87
N LYS A 149 -6.29 20.74 12.43
CA LYS A 149 -7.14 21.88 12.12
C LYS A 149 -8.22 21.55 11.08
N ASP A 150 -7.89 20.73 10.10
CA ASP A 150 -8.86 20.41 9.07
C ASP A 150 -9.71 19.17 9.31
N SER A 151 -9.60 18.59 10.50
CA SER A 151 -10.37 17.40 10.85
C SER A 151 -11.68 17.83 11.49
N SER A 152 -12.74 17.08 11.21
CA SER A 152 -14.04 17.39 11.75
C SER A 152 -14.85 16.10 11.93
N GLY A 153 -16.00 16.23 12.58
CA GLY A 153 -16.86 15.07 12.80
C GLY A 153 -16.29 14.19 13.90
N VAL A 154 -16.43 12.88 13.73
CA VAL A 154 -15.93 11.92 14.71
C VAL A 154 -14.43 11.73 14.54
N ILE A 155 -13.69 12.09 15.59
CA ILE A 155 -12.23 11.96 15.60
C ILE A 155 -11.85 10.59 16.12
N HIS A 156 -11.16 9.79 15.31
CA HIS A 156 -10.74 8.46 15.76
C HIS A 156 -9.24 8.49 16.07
N VAL A 157 -8.84 7.77 17.12
CA VAL A 157 -7.44 7.72 17.54
C VAL A 157 -7.06 6.29 17.87
N MET A 158 -5.96 5.80 17.27
CA MET A 158 -5.50 4.45 17.55
C MET A 158 -4.22 4.49 18.34
N LEU A 159 -4.28 3.92 19.55
CA LEU A 159 -3.15 3.88 20.46
C LEU A 159 -2.72 2.44 20.71
N ASN A 160 -1.46 2.26 21.11
CA ASN A 160 -0.92 0.93 21.36
C ASN A 160 -0.95 0.57 22.85
N GLY A 161 -1.77 -0.42 23.19
CA GLY A 161 -1.86 -0.86 24.57
C GLY A 161 -0.79 -1.85 24.99
N SER A 162 0.15 -2.14 24.09
CA SER A 162 1.23 -3.08 24.41
C SER A 162 2.54 -2.33 24.51
N GLU A 163 2.50 -1.04 24.22
CA GLU A 163 3.66 -0.17 24.31
C GLU A 163 4.11 -0.07 25.79
N PRO A 164 5.39 -0.36 26.07
CA PRO A 164 5.96 -0.32 27.43
C PRO A 164 5.87 1.02 28.17
N THR A 165 5.76 2.11 27.43
CA THR A 165 5.69 3.42 28.06
C THR A 165 4.26 3.91 28.20
N GLY A 166 3.31 3.01 27.97
CA GLY A 166 1.92 3.39 28.08
C GLY A 166 1.36 3.77 26.72
N ALA A 167 0.04 3.79 26.61
CA ALA A 167 -0.61 4.11 25.36
C ALA A 167 -0.56 5.58 24.94
N TYR A 168 -0.36 6.48 25.89
CA TYR A 168 -0.34 7.92 25.57
C TYR A 168 0.92 8.64 26.00
N PRO A 169 1.80 9.00 25.05
CA PRO A 169 3.04 9.70 25.38
C PRO A 169 2.74 11.18 25.59
N ILE A 170 2.81 11.66 26.83
CA ILE A 170 2.50 13.06 27.11
C ILE A 170 3.27 14.08 26.29
N LYS A 171 4.36 13.65 25.67
CA LYS A 171 5.14 14.57 24.87
C LYS A 171 5.23 14.22 23.39
N GLY A 172 4.25 13.48 22.88
CA GLY A 172 4.25 13.11 21.48
C GLY A 172 3.63 14.18 20.59
N PHE A 173 3.58 13.91 19.28
CA PHE A 173 2.99 14.86 18.35
C PHE A 173 1.50 15.01 18.61
N PHE A 174 0.84 13.92 18.94
CA PHE A 174 -0.59 13.95 19.22
C PHE A 174 -0.91 14.87 20.42
N ALA A 175 -0.08 14.81 21.44
CA ALA A 175 -0.30 15.62 22.62
C ALA A 175 0.09 17.09 22.45
N ASP A 176 1.28 17.33 21.90
CA ASP A 176 1.73 18.71 21.75
C ASP A 176 1.37 19.43 20.46
N TYR A 177 1.03 18.71 19.41
CA TYR A 177 0.70 19.40 18.17
C TYR A 177 -0.64 19.13 17.55
N GLU A 178 -1.33 18.07 17.96
CA GLU A 178 -2.62 17.80 17.38
C GLU A 178 -3.78 18.09 18.31
N ILE A 179 -3.72 17.56 19.54
CA ILE A 179 -4.80 17.82 20.49
C ILE A 179 -5.13 19.30 20.63
N PRO A 180 -4.11 20.17 20.80
CA PRO A 180 -4.30 21.62 20.94
C PRO A 180 -4.84 22.31 19.70
N ASN A 181 -4.83 21.61 18.57
CA ASN A 181 -5.28 22.21 17.34
C ASN A 181 -6.59 21.70 16.82
N LEU A 182 -7.25 20.85 17.60
CA LEU A 182 -8.55 20.34 17.19
C LEU A 182 -9.56 21.49 17.28
N GLN A 183 -10.38 21.64 16.24
CA GLN A 183 -11.41 22.69 16.22
C GLN A 183 -12.62 22.10 16.95
N LYS A 184 -12.67 22.30 18.26
CA LYS A 184 -13.76 21.76 19.06
C LYS A 184 -15.11 22.14 18.44
N GLU A 185 -15.16 23.31 17.83
CA GLU A 185 -16.38 23.78 17.20
C GLU A 185 -16.88 22.84 16.12
N LYS A 186 -15.98 22.18 15.40
CA LYS A 186 -16.43 21.26 14.35
C LYS A 186 -16.10 19.79 14.60
N ILE A 187 -16.04 19.43 15.87
CA ILE A 187 -15.76 18.05 16.27
C ILE A 187 -16.92 17.53 17.10
N THR A 188 -17.56 16.45 16.64
CA THR A 188 -18.67 15.89 17.37
C THR A 188 -18.20 15.15 18.64
N ARG A 189 -17.36 14.13 18.48
CA ARG A 189 -16.86 13.36 19.62
C ARG A 189 -15.52 12.72 19.28
N ILE A 190 -14.76 12.36 20.31
CA ILE A 190 -13.46 11.71 20.10
C ILE A 190 -13.56 10.27 20.60
N GLU A 191 -13.20 9.33 19.74
CA GLU A 191 -13.26 7.90 20.06
C GLU A 191 -11.85 7.32 19.99
N ILE A 192 -11.43 6.65 21.06
CA ILE A 192 -10.11 6.04 21.12
C ILE A 192 -10.15 4.53 20.96
N TRP A 193 -9.19 3.98 20.23
CA TRP A 193 -9.10 2.54 20.07
C TRP A 193 -7.76 2.13 20.71
N VAL A 194 -7.79 1.42 21.83
CA VAL A 194 -6.55 0.99 22.48
C VAL A 194 -6.28 -0.47 22.09
N MET A 195 -5.37 -0.67 21.14
CA MET A 195 -5.04 -2.01 20.63
C MET A 195 -3.92 -2.76 21.35
N HIS A 196 -4.08 -4.07 21.45
CA HIS A 196 -3.08 -4.92 22.09
C HIS A 196 -2.60 -5.96 21.10
N GLU A 197 -1.31 -6.28 21.17
CA GLU A 197 -0.73 -7.28 20.29
C GLU A 197 -1.42 -8.59 20.58
N ILE A 198 -1.56 -9.44 19.57
CA ILE A 198 -2.22 -10.73 19.76
C ILE A 198 -1.39 -11.51 20.76
N GLY A 199 -2.02 -11.94 21.84
CA GLY A 199 -1.29 -12.64 22.87
C GLY A 199 -0.42 -11.63 23.62
N GLY A 200 0.23 -10.76 22.84
CA GLY A 200 1.10 -9.71 23.35
C GLY A 200 0.64 -9.11 24.66
N PRO A 201 1.52 -8.35 25.33
CA PRO A 201 1.29 -7.69 26.62
C PRO A 201 0.20 -6.63 26.69
N ASN A 202 -0.55 -6.67 27.78
CA ASN A 202 -1.60 -5.70 28.02
C ASN A 202 -1.05 -4.71 29.06
N VAL A 203 -0.15 -3.84 28.63
CA VAL A 203 0.45 -2.86 29.52
C VAL A 203 -0.59 -1.86 30.02
N GLU A 204 -1.49 -1.45 29.12
CA GLU A 204 -2.54 -0.51 29.47
C GLU A 204 -3.80 -0.70 28.64
N SER A 205 -4.94 -0.63 29.33
CA SER A 205 -6.23 -0.75 28.67
C SER A 205 -7.00 0.51 28.99
N CYS A 206 -8.11 0.72 28.28
CA CYS A 206 -8.94 1.91 28.49
C CYS A 206 -9.06 2.27 29.98
N GLY A 207 -8.84 3.54 30.28
CA GLY A 207 -8.96 4.01 31.65
C GLY A 207 -7.85 3.66 32.63
N GLU A 208 -6.73 3.12 32.16
CA GLU A 208 -5.63 2.78 33.07
C GLU A 208 -4.38 3.62 32.76
N GLY A 209 -3.56 3.89 33.76
CA GLY A 209 -2.34 4.67 33.56
C GLY A 209 -2.51 5.90 32.69
N SER A 210 -1.62 6.08 31.72
CA SER A 210 -1.67 7.25 30.83
C SER A 210 -3.03 7.47 30.17
N MET A 211 -3.81 6.41 29.99
CA MET A 211 -5.14 6.57 29.38
C MET A 211 -6.04 7.43 30.26
N LYS A 212 -5.76 7.49 31.56
CA LYS A 212 -6.56 8.32 32.46
C LYS A 212 -6.20 9.77 32.19
N VAL A 213 -4.91 10.01 31.99
CA VAL A 213 -4.40 11.35 31.71
C VAL A 213 -4.97 11.90 30.41
N LEU A 214 -4.94 11.09 29.36
CA LEU A 214 -5.49 11.53 28.07
C LEU A 214 -6.98 11.77 28.22
N GLU A 215 -7.68 10.80 28.80
CA GLU A 215 -9.12 10.94 28.98
C GLU A 215 -9.47 12.20 29.75
N LYS A 216 -8.72 12.48 30.82
CA LYS A 216 -8.97 13.67 31.63
C LYS A 216 -8.78 14.95 30.81
N ARG A 217 -7.70 15.03 30.05
CA ARG A 217 -7.42 16.22 29.23
C ARG A 217 -8.55 16.44 28.24
N LEU A 218 -8.92 15.38 27.52
CA LEU A 218 -9.97 15.50 26.53
C LEU A 218 -11.28 15.93 27.17
N LYS A 219 -11.60 15.37 28.34
CA LYS A 219 -12.85 15.74 29.00
C LYS A 219 -12.80 17.16 29.56
N ASP A 220 -11.65 17.58 30.08
CA ASP A 220 -11.52 18.94 30.61
C ASP A 220 -11.72 19.95 29.47
N MET A 221 -11.18 19.63 28.29
CA MET A 221 -11.30 20.52 27.13
C MET A 221 -12.72 20.55 26.60
N GLY A 222 -13.59 19.74 27.20
CA GLY A 222 -14.98 19.68 26.80
C GLY A 222 -15.32 18.81 25.61
N PHE A 223 -14.62 17.70 25.43
CA PHE A 223 -14.92 16.84 24.29
C PHE A 223 -15.78 15.68 24.74
N GLN A 224 -16.60 15.16 23.85
CA GLN A 224 -17.38 13.97 24.19
C GLN A 224 -16.28 12.92 23.99
N TYR A 225 -16.17 11.99 24.93
CA TYR A 225 -15.12 10.99 24.90
C TYR A 225 -15.60 9.54 25.03
N SER A 226 -14.89 8.62 24.39
CA SER A 226 -15.20 7.19 24.47
C SER A 226 -13.92 6.43 24.19
N CYS A 227 -13.82 5.22 24.71
CA CYS A 227 -12.62 4.42 24.54
C CYS A 227 -13.02 2.96 24.33
N ILE A 228 -12.40 2.30 23.36
CA ILE A 228 -12.70 0.91 23.08
C ILE A 228 -11.41 0.09 23.04
N ASN A 229 -11.38 -1.02 23.77
CA ASN A 229 -10.20 -1.88 23.79
C ASN A 229 -10.29 -2.82 22.60
N ASP A 230 -9.20 -2.92 21.87
CA ASP A 230 -9.16 -3.82 20.73
C ASP A 230 -10.37 -3.75 19.82
N TYR A 231 -10.61 -2.55 19.27
CA TYR A 231 -11.72 -2.29 18.35
C TYR A 231 -11.71 -3.43 17.33
N ARG A 232 -12.82 -4.15 17.25
CA ARG A 232 -12.97 -5.32 16.39
C ARG A 232 -12.39 -5.32 14.96
N PRO A 233 -12.80 -4.35 14.11
CA PRO A 233 -12.27 -4.32 12.75
C PRO A 233 -10.74 -4.39 12.70
N VAL A 234 -10.08 -3.62 13.56
CA VAL A 234 -8.61 -3.63 13.63
C VAL A 234 -8.11 -4.93 14.20
N LYS A 235 -8.83 -5.49 15.16
CA LYS A 235 -8.43 -6.76 15.76
C LYS A 235 -8.40 -7.83 14.66
N LEU A 236 -9.43 -7.82 13.81
CA LEU A 236 -9.52 -8.77 12.72
C LEU A 236 -8.31 -8.65 11.78
N LEU A 237 -7.85 -7.42 11.56
CA LEU A 237 -6.69 -7.20 10.70
C LEU A 237 -5.45 -7.76 11.40
N GLN A 238 -5.31 -7.47 12.69
CA GLN A 238 -4.18 -7.98 13.46
C GLN A 238 -4.19 -9.51 13.36
N CYS A 239 -5.37 -10.10 13.49
CA CYS A 239 -5.54 -11.54 13.44
C CYS A 239 -5.12 -12.24 12.15
N VAL A 240 -5.06 -11.50 11.05
CA VAL A 240 -4.66 -12.08 9.78
C VAL A 240 -3.33 -12.81 9.93
N ASP A 241 -2.48 -12.33 10.83
CA ASP A 241 -1.16 -12.92 11.03
C ASP A 241 -1.08 -13.89 12.21
N HIS A 242 -2.22 -14.22 12.78
CA HIS A 242 -2.28 -15.13 13.91
C HIS A 242 -3.56 -15.93 13.78
N SER A 243 -3.82 -16.40 12.55
CA SER A 243 -5.02 -17.16 12.27
C SER A 243 -5.29 -18.29 13.23
N THR A 244 -4.24 -18.95 13.72
CA THR A 244 -4.41 -20.07 14.65
C THR A 244 -4.18 -19.73 16.12
N HIS A 245 -4.58 -18.53 16.53
CA HIS A 245 -4.41 -18.12 17.92
C HIS A 245 -5.79 -18.01 18.55
N PRO A 246 -5.95 -18.56 19.76
CA PRO A 246 -7.24 -18.52 20.45
C PRO A 246 -7.97 -17.17 20.43
N ASP A 247 -7.25 -16.05 20.35
CA ASP A 247 -7.89 -14.74 20.31
C ASP A 247 -8.50 -14.48 18.93
N CYS A 248 -8.01 -15.22 17.94
CA CYS A 248 -8.44 -15.06 16.57
C CYS A 248 -9.39 -16.12 16.02
N ALA A 249 -9.72 -17.11 16.83
CA ALA A 249 -10.61 -18.19 16.43
C ALA A 249 -12.01 -17.64 16.15
N LEU A 250 -12.65 -18.17 15.10
CA LEU A 250 -14.00 -17.72 14.72
C LEU A 250 -15.09 -18.68 15.19
N LYS A 251 -16.30 -18.17 15.35
CA LYS A 251 -17.41 -19.01 15.76
C LYS A 251 -17.83 -19.90 14.60
N TRP B 2 -10.56 3.05 -29.78
CA TRP B 2 -10.09 2.33 -28.57
C TRP B 2 -11.15 2.38 -27.46
N ARG B 3 -11.45 1.24 -26.85
CA ARG B 3 -12.46 1.19 -25.81
C ARG B 3 -11.97 1.02 -24.37
N ALA B 4 -10.66 0.81 -24.17
CA ALA B 4 -10.12 0.66 -22.82
C ALA B 4 -9.60 1.99 -22.28
N GLU B 5 -9.30 2.03 -20.98
CA GLU B 5 -8.80 3.24 -20.34
C GLU B 5 -7.52 3.76 -21.04
N GLY B 6 -7.43 5.08 -21.20
CA GLY B 6 -6.27 5.68 -21.84
C GLY B 6 -5.08 5.69 -20.90
N THR B 7 -3.90 6.04 -21.39
CA THR B 7 -2.72 6.04 -20.53
C THR B 7 -2.79 6.86 -19.25
N SER B 8 -2.31 6.25 -18.17
CA SER B 8 -2.28 6.85 -16.84
C SER B 8 -1.54 8.19 -16.83
N ALA B 9 -2.15 9.19 -16.23
CA ALA B 9 -1.56 10.52 -16.15
C ALA B 9 -0.30 10.49 -15.30
N HIS B 10 0.75 11.15 -15.78
CA HIS B 10 2.02 11.21 -15.06
C HIS B 10 2.66 9.82 -14.96
N LEU B 11 2.44 9.02 -15.99
CA LEU B 11 2.96 7.67 -16.06
C LEU B 11 4.43 7.54 -15.72
N ARG B 12 5.26 8.44 -16.23
CA ARG B 12 6.70 8.34 -15.95
C ARG B 12 7.03 8.56 -14.48
N ASP B 13 6.45 9.58 -13.86
CA ASP B 13 6.74 9.83 -12.45
C ASP B 13 6.28 8.68 -11.56
N ILE B 14 5.08 8.17 -11.82
CA ILE B 14 4.54 7.05 -11.03
C ILE B 14 5.49 5.85 -11.15
N PHE B 15 5.85 5.54 -12.39
CA PHE B 15 6.75 4.44 -12.71
C PHE B 15 8.07 4.52 -11.95
N LEU B 16 8.78 5.64 -12.11
CA LEU B 16 10.07 5.84 -11.45
C LEU B 16 9.94 5.85 -9.92
N GLY B 17 8.83 6.37 -9.43
CA GLY B 17 8.61 6.41 -7.99
C GLY B 17 8.38 5.02 -7.44
N ARG B 18 7.55 4.24 -8.10
CA ARG B 18 7.30 2.87 -7.64
C ARG B 18 8.60 2.09 -7.71
N CYS B 19 9.35 2.29 -8.79
CA CYS B 19 10.61 1.62 -8.97
C CYS B 19 11.59 1.96 -7.87
N ALA B 20 11.73 3.25 -7.56
CA ALA B 20 12.65 3.67 -6.51
C ALA B 20 12.23 3.09 -5.17
N GLU B 21 10.94 3.15 -4.86
CA GLU B 21 10.50 2.63 -3.58
C GLU B 21 10.75 1.13 -3.46
N TYR B 22 10.46 0.39 -4.54
CA TYR B 22 10.63 -1.05 -4.52
C TYR B 22 12.09 -1.44 -4.32
N ARG B 23 13.02 -0.61 -4.77
CA ARG B 23 14.44 -0.92 -4.62
C ARG B 23 14.82 -1.25 -3.19
N ALA B 24 14.17 -0.59 -2.23
CA ALA B 24 14.46 -0.82 -0.82
C ALA B 24 14.04 -2.21 -0.38
N LEU B 25 13.05 -2.78 -1.06
CA LEU B 25 12.54 -4.10 -0.72
C LEU B 25 13.38 -5.22 -1.33
N LEU B 26 14.32 -4.87 -2.20
CA LEU B 26 15.17 -5.85 -2.85
C LEU B 26 16.38 -6.20 -2.00
N SER B 27 16.91 -7.40 -2.21
CA SER B 27 18.10 -7.85 -1.50
C SER B 27 19.27 -6.99 -1.96
N PRO B 28 20.21 -6.67 -1.05
CA PRO B 28 21.36 -5.84 -1.42
C PRO B 28 22.12 -6.35 -2.66
N GLU B 29 22.11 -7.67 -2.87
CA GLU B 29 22.78 -8.28 -4.01
C GLU B 29 22.09 -7.87 -5.31
N GLN B 30 20.76 -7.88 -5.30
CA GLN B 30 19.98 -7.51 -6.48
C GLN B 30 19.32 -6.13 -6.32
N ARG B 31 20.00 -5.23 -5.61
CA ARG B 31 19.49 -3.88 -5.38
C ARG B 31 19.98 -2.90 -6.45
N ASN B 32 20.97 -3.34 -7.23
CA ASN B 32 21.54 -2.54 -8.30
C ASN B 32 20.61 -2.48 -9.51
N LYS B 33 19.55 -1.69 -9.39
CA LYS B 33 18.58 -1.55 -10.46
C LYS B 33 18.51 -0.12 -10.94
N ASP B 34 18.66 0.09 -12.24
CA ASP B 34 18.59 1.44 -12.78
C ASP B 34 17.17 1.70 -13.29
N CYS B 35 16.38 2.36 -12.45
CA CYS B 35 15.00 2.69 -12.79
C CYS B 35 14.87 3.44 -14.11
N THR B 36 15.69 4.46 -14.29
CA THR B 36 15.68 5.25 -15.52
C THR B 36 15.93 4.37 -16.74
N ALA B 37 16.86 3.42 -16.58
CA ALA B 37 17.19 2.50 -17.66
C ALA B 37 16.00 1.57 -17.85
N ILE B 38 15.44 1.11 -16.73
CA ILE B 38 14.29 0.22 -16.77
C ILE B 38 13.15 0.94 -17.48
N TRP B 39 12.96 2.22 -17.18
CA TRP B 39 11.89 2.99 -17.83
C TRP B 39 12.14 3.09 -19.33
N GLU B 40 13.37 3.43 -19.71
CA GLU B 40 13.72 3.55 -21.13
C GLU B 40 13.42 2.25 -21.90
N ALA B 41 13.61 1.11 -21.23
CA ALA B 41 13.38 -0.19 -21.84
C ALA B 41 11.88 -0.41 -22.01
N PHE B 42 11.13 -0.04 -20.99
CA PHE B 42 9.67 -0.16 -20.99
C PHE B 42 9.13 0.70 -22.13
N LYS B 43 9.76 1.85 -22.32
CA LYS B 43 9.36 2.81 -23.34
C LYS B 43 9.54 2.29 -24.77
N VAL B 44 10.39 1.28 -24.95
CA VAL B 44 10.63 0.70 -26.26
C VAL B 44 9.34 0.15 -26.86
N ALA B 45 8.42 -0.27 -25.99
CA ALA B 45 7.13 -0.79 -26.44
C ALA B 45 6.17 0.38 -26.64
N LEU B 46 6.38 1.45 -25.88
CA LEU B 46 5.53 2.63 -25.99
C LEU B 46 5.71 3.42 -27.29
N ASP B 47 6.89 3.33 -27.90
CA ASP B 47 7.13 4.06 -29.13
C ASP B 47 6.57 3.36 -30.38
N LYS B 48 6.10 2.12 -30.23
CA LYS B 48 5.55 1.36 -31.35
C LYS B 48 4.06 1.61 -31.54
N ASP B 49 3.51 1.03 -32.60
CA ASP B 49 2.08 1.17 -32.91
C ASP B 49 1.25 0.49 -31.82
N PRO B 50 0.21 1.18 -31.31
CA PRO B 50 -0.67 0.67 -30.26
C PRO B 50 -1.29 -0.70 -30.49
N CYS B 51 -1.14 -1.25 -31.68
CA CYS B 51 -1.69 -2.57 -31.98
C CYS B 51 -0.64 -3.48 -32.57
N SER B 52 0.63 -3.15 -32.36
CA SER B 52 1.71 -3.98 -32.89
C SER B 52 2.79 -4.27 -31.85
N VAL B 53 2.38 -4.32 -30.58
CA VAL B 53 3.29 -4.60 -29.48
C VAL B 53 3.14 -6.06 -29.09
N LEU B 54 4.27 -6.77 -29.08
CA LEU B 54 4.31 -8.18 -28.74
C LEU B 54 4.99 -8.36 -27.40
N PRO B 55 4.69 -9.48 -26.70
CA PRO B 55 5.31 -9.74 -25.40
C PRO B 55 6.83 -9.63 -25.51
N SER B 56 7.37 -10.16 -26.58
CA SER B 56 8.82 -10.14 -26.79
C SER B 56 9.40 -8.72 -26.76
N ASP B 57 8.57 -7.71 -27.01
CA ASP B 57 9.05 -6.33 -26.99
C ASP B 57 9.47 -5.90 -25.58
N TYR B 58 8.96 -6.59 -24.56
CA TYR B 58 9.33 -6.25 -23.20
C TYR B 58 10.45 -7.14 -22.64
N ASP B 59 11.13 -7.88 -23.52
CA ASP B 59 12.21 -8.76 -23.07
C ASP B 59 13.30 -7.97 -22.37
N LEU B 60 13.65 -6.82 -22.93
CA LEU B 60 14.68 -5.95 -22.34
C LEU B 60 14.21 -5.47 -20.97
N PHE B 61 12.98 -4.99 -20.91
CA PHE B 61 12.40 -4.51 -19.66
C PHE B 61 12.57 -5.59 -18.60
N ILE B 62 12.13 -6.80 -18.92
CA ILE B 62 12.24 -7.92 -17.97
C ILE B 62 13.69 -8.12 -17.56
N THR B 63 14.57 -8.27 -18.56
CA THR B 63 15.98 -8.49 -18.29
C THR B 63 16.54 -7.51 -17.26
N LEU B 64 16.32 -6.22 -17.46
CA LEU B 64 16.83 -5.21 -16.53
C LEU B 64 16.11 -5.09 -15.19
N SER B 65 14.94 -5.72 -15.04
CA SER B 65 14.22 -5.62 -13.78
C SER B 65 13.99 -6.94 -13.10
N ARG B 66 14.36 -8.01 -13.80
CA ARG B 66 14.23 -9.36 -13.28
C ARG B 66 15.01 -9.50 -11.98
N HIS B 67 14.38 -10.10 -10.97
CA HIS B 67 15.02 -10.36 -9.69
C HIS B 67 14.34 -11.63 -9.18
N SER B 68 14.99 -12.37 -8.29
CA SER B 68 14.44 -13.62 -7.80
C SER B 68 13.22 -13.50 -6.89
N ILE B 69 12.46 -14.58 -6.80
CA ILE B 69 11.26 -14.64 -5.99
C ILE B 69 11.47 -15.67 -4.88
N PRO B 70 11.31 -15.27 -3.62
CA PRO B 70 11.52 -16.24 -2.53
C PRO B 70 10.72 -17.51 -2.73
N ARG B 71 11.30 -18.63 -2.28
CA ARG B 71 10.66 -19.93 -2.38
C ARG B 71 9.41 -19.95 -1.50
N ASP B 72 8.37 -20.65 -1.96
CA ASP B 72 7.11 -20.76 -1.22
C ASP B 72 6.34 -19.45 -1.05
N LYS B 73 6.83 -18.37 -1.65
CA LYS B 73 6.15 -17.10 -1.48
C LYS B 73 5.38 -16.58 -2.69
N SER B 74 5.36 -17.34 -3.78
CA SER B 74 4.61 -16.92 -4.96
C SER B 74 3.12 -17.08 -4.69
N LEU B 75 2.34 -16.13 -5.21
CA LEU B 75 0.90 -16.13 -5.03
C LEU B 75 0.23 -15.72 -6.33
N PHE B 76 -0.35 -16.69 -7.03
CA PHE B 76 -1.04 -16.42 -8.29
C PHE B 76 -2.49 -16.12 -7.96
N TRP B 77 -3.27 -15.65 -8.94
CA TRP B 77 -4.67 -15.33 -8.70
C TRP B 77 -5.50 -14.95 -9.92
N GLU B 78 -6.82 -14.88 -9.69
CA GLU B 78 -7.79 -14.48 -10.70
C GLU B 78 -8.97 -13.84 -9.97
N ASN B 79 -9.49 -12.76 -10.53
CA ASN B 79 -10.65 -12.06 -9.95
C ASN B 79 -10.55 -11.74 -8.47
N SER B 80 -9.43 -11.17 -8.04
CA SER B 80 -9.26 -10.81 -6.62
C SER B 80 -8.00 -9.97 -6.42
N HIS B 81 -7.75 -9.11 -7.41
CA HIS B 81 -6.60 -8.21 -7.44
C HIS B 81 -6.38 -7.42 -6.15
N LEU B 82 -7.37 -6.64 -5.73
CA LEU B 82 -7.24 -5.85 -4.50
C LEU B 82 -7.09 -6.69 -3.25
N LEU B 83 -7.77 -7.83 -3.20
CA LEU B 83 -7.66 -8.70 -2.03
C LEU B 83 -6.24 -9.28 -1.97
N VAL B 84 -5.67 -9.60 -3.13
CA VAL B 84 -4.32 -10.12 -3.16
C VAL B 84 -3.28 -9.07 -2.80
N ASN B 85 -3.42 -7.87 -3.36
CA ASN B 85 -2.46 -6.81 -3.04
C ASN B 85 -2.49 -6.50 -1.55
N SER B 86 -3.69 -6.49 -1.00
CA SER B 86 -3.88 -6.17 0.41
C SER B 86 -3.38 -7.29 1.33
N PHE B 87 -3.60 -8.54 0.94
CA PHE B 87 -3.18 -9.66 1.77
C PHE B 87 -1.68 -9.85 1.72
N ALA B 88 -1.09 -9.69 0.53
CA ALA B 88 0.35 -9.85 0.33
C ALA B 88 1.09 -8.83 1.18
N ASP B 89 0.42 -7.72 1.44
CA ASP B 89 0.95 -6.65 2.27
C ASP B 89 2.39 -6.22 1.93
N ASN B 90 2.61 -5.91 0.65
CA ASN B 90 3.90 -5.41 0.15
C ASN B 90 5.12 -6.33 0.38
N THR B 91 4.98 -7.59 -0.06
CA THR B 91 6.01 -8.63 0.04
C THR B 91 6.23 -9.15 1.46
N ARG B 92 5.45 -8.65 2.42
CA ARG B 92 5.58 -9.06 3.81
C ARG B 92 5.11 -10.51 4.02
N ARG B 93 3.90 -10.82 3.53
CA ARG B 93 3.34 -12.17 3.65
C ARG B 93 3.66 -13.07 2.44
N PHE B 94 3.33 -12.55 1.24
CA PHE B 94 3.58 -13.26 0.00
C PHE B 94 4.07 -12.25 -1.01
N MET B 95 4.59 -12.73 -2.14
CA MET B 95 5.07 -11.83 -3.16
C MET B 95 4.40 -12.12 -4.50
N PRO B 96 3.21 -11.54 -4.74
CA PRO B 96 2.46 -11.74 -5.99
C PRO B 96 3.12 -10.93 -7.12
N LEU B 97 2.69 -11.12 -8.37
CA LEU B 97 3.30 -10.37 -9.48
C LEU B 97 3.35 -8.86 -9.22
N SER B 98 2.35 -8.32 -8.53
CA SER B 98 2.32 -6.90 -8.22
C SER B 98 3.39 -6.49 -7.18
N ASP B 99 3.97 -7.47 -6.48
CA ASP B 99 4.99 -7.16 -5.48
C ASP B 99 6.37 -7.62 -5.92
N VAL B 100 6.58 -7.66 -7.23
CA VAL B 100 7.84 -8.05 -7.86
C VAL B 100 8.14 -6.81 -8.70
N LEU B 101 9.40 -6.38 -8.76
CA LEU B 101 9.72 -5.14 -9.49
C LEU B 101 9.02 -4.88 -10.82
N TYR B 102 9.13 -5.80 -11.78
CA TYR B 102 8.52 -5.56 -13.07
C TYR B 102 7.00 -5.50 -13.05
N GLY B 103 6.40 -6.06 -12.00
CA GLY B 103 4.96 -6.02 -11.87
C GLY B 103 4.55 -4.75 -11.14
N ARG B 104 5.26 -4.45 -10.06
CA ARG B 104 4.99 -3.26 -9.25
C ARG B 104 4.95 -1.94 -10.01
N VAL B 105 5.84 -1.75 -10.97
CA VAL B 105 5.87 -0.50 -11.70
C VAL B 105 4.68 -0.27 -12.63
N ALA B 106 3.93 -1.32 -12.94
CA ALA B 106 2.79 -1.16 -13.85
C ALA B 106 1.42 -1.55 -13.30
N ASP B 107 1.37 -2.02 -12.06
CA ASP B 107 0.12 -2.46 -11.46
C ASP B 107 -0.99 -1.42 -11.53
N PHE B 108 -2.09 -1.78 -12.19
CA PHE B 108 -3.25 -0.89 -12.34
C PHE B 108 -3.15 0.23 -13.36
N LEU B 109 -1.95 0.48 -13.90
CA LEU B 109 -1.76 1.55 -14.87
C LEU B 109 -2.15 1.16 -16.30
N SER B 110 -2.18 2.14 -17.20
CA SER B 110 -2.51 1.92 -18.60
C SER B 110 -1.55 2.74 -19.45
N TRP B 111 -1.36 2.33 -20.70
CA TRP B 111 -0.45 3.03 -21.57
C TRP B 111 -0.56 2.57 -23.01
N CYS B 112 -0.30 3.50 -23.92
CA CYS B 112 -0.33 3.22 -25.35
C CYS B 112 0.01 4.50 -26.11
N ARG B 113 0.65 4.35 -27.26
CA ARG B 113 1.00 5.51 -28.07
C ARG B 113 -0.22 5.87 -28.89
N GLN B 114 -0.31 7.13 -29.32
CA GLN B 114 -1.44 7.56 -30.11
C GLN B 114 -1.47 6.71 -31.38
N LYS B 115 -2.67 6.37 -31.82
CA LYS B 115 -2.87 5.55 -33.00
C LYS B 115 -1.88 5.94 -34.10
N ALA B 116 -1.74 7.25 -34.32
CA ALA B 116 -0.82 7.76 -35.33
C ALA B 116 -0.18 9.08 -34.91
N ASP B 117 0.77 9.01 -33.99
CA ASP B 117 1.48 10.18 -33.48
C ASP B 117 2.47 9.72 -32.40
N SER B 118 3.57 10.44 -32.28
CA SER B 118 4.61 10.09 -31.31
C SER B 118 4.18 10.15 -29.84
N GLY B 119 3.17 10.96 -29.53
CA GLY B 119 2.71 11.10 -28.15
C GLY B 119 1.93 9.93 -27.56
N LEU B 120 1.74 9.96 -26.25
CA LEU B 120 0.98 8.92 -25.56
C LEU B 120 -0.49 9.27 -25.72
N ASP B 121 -1.35 8.25 -25.78
CA ASP B 121 -2.78 8.50 -25.95
C ASP B 121 -3.53 8.50 -24.62
N TYR B 122 -3.68 9.69 -24.04
CA TYR B 122 -4.38 9.82 -22.76
C TYR B 122 -5.89 9.78 -22.93
N GLN B 123 -6.35 9.45 -24.14
CA GLN B 123 -7.77 9.39 -24.44
C GLN B 123 -8.32 7.98 -24.30
N SER B 124 -7.67 7.04 -24.97
CA SER B 124 -8.09 5.65 -24.91
C SER B 124 -6.99 4.72 -25.41
N CYS B 125 -7.06 3.47 -24.99
CA CYS B 125 -6.10 2.45 -25.39
C CYS B 125 -6.90 1.22 -25.84
N PRO B 126 -6.39 0.51 -26.86
CA PRO B 126 -7.08 -0.69 -27.35
C PRO B 126 -7.32 -1.75 -26.29
N THR B 127 -8.45 -2.44 -26.40
CA THR B 127 -8.77 -3.53 -25.48
C THR B 127 -8.38 -4.78 -26.25
N SER B 128 -8.57 -5.94 -25.65
CA SER B 128 -8.23 -7.18 -26.33
C SER B 128 -9.02 -7.33 -27.62
N GLU B 129 -10.21 -6.73 -27.66
CA GLU B 129 -11.05 -6.80 -28.84
C GLU B 129 -10.58 -5.85 -29.94
N ASP B 130 -10.25 -4.62 -29.57
CA ASP B 130 -9.78 -3.65 -30.55
C ASP B 130 -8.62 -4.25 -31.35
N CYS B 131 -7.86 -5.12 -30.69
CA CYS B 131 -6.73 -5.81 -31.30
C CYS B 131 -6.04 -6.60 -30.19
N GLU B 132 -5.36 -7.68 -30.56
CA GLU B 132 -4.72 -8.53 -29.56
C GLU B 132 -3.38 -8.01 -29.05
N ASN B 133 -2.54 -7.56 -29.96
CA ASN B 133 -1.23 -7.08 -29.60
C ASN B 133 -1.12 -5.63 -29.17
N ASN B 134 -1.81 -5.30 -28.09
CA ASN B 134 -1.77 -3.95 -27.54
C ASN B 134 -0.71 -3.92 -26.43
N PRO B 135 -0.12 -2.75 -26.16
CA PRO B 135 0.91 -2.58 -25.14
C PRO B 135 0.64 -3.22 -23.78
N VAL B 136 -0.52 -2.94 -23.19
CA VAL B 136 -0.88 -3.48 -21.88
C VAL B 136 -1.05 -4.99 -21.78
N ASP B 137 -1.83 -5.58 -22.68
CA ASP B 137 -2.02 -7.04 -22.63
C ASP B 137 -0.72 -7.79 -22.90
N SER B 138 0.07 -7.33 -23.87
CA SER B 138 1.33 -8.00 -24.18
C SER B 138 2.27 -7.89 -22.97
N PHE B 139 2.19 -6.77 -22.27
CA PHE B 139 3.03 -6.54 -21.10
C PHE B 139 2.80 -7.64 -20.07
N TRP B 140 1.56 -7.76 -19.62
CA TRP B 140 1.21 -8.75 -18.61
C TRP B 140 1.45 -10.18 -19.06
N LYS B 141 1.49 -10.42 -20.37
CA LYS B 141 1.77 -11.77 -20.84
C LYS B 141 3.24 -12.05 -20.54
N ARG B 142 4.12 -11.14 -20.95
CA ARG B 142 5.55 -11.34 -20.70
C ARG B 142 5.83 -11.41 -19.20
N ALA B 143 5.22 -10.50 -18.44
CA ALA B 143 5.41 -10.46 -16.99
C ALA B 143 4.92 -11.74 -16.32
N SER B 144 3.78 -12.24 -16.78
CA SER B 144 3.20 -13.46 -16.23
C SER B 144 4.09 -14.67 -16.52
N ILE B 145 4.67 -14.72 -17.72
CA ILE B 145 5.52 -15.83 -18.08
C ILE B 145 6.75 -15.87 -17.17
N GLN B 146 7.36 -14.71 -16.96
CA GLN B 146 8.55 -14.61 -16.13
C GLN B 146 8.22 -14.94 -14.67
N TYR B 147 7.20 -14.29 -14.14
CA TYR B 147 6.80 -14.54 -12.76
C TYR B 147 6.64 -16.05 -12.57
N SER B 148 5.96 -16.68 -13.52
CA SER B 148 5.74 -18.12 -13.46
C SER B 148 7.04 -18.93 -13.51
N LYS B 149 7.91 -18.62 -14.46
CA LYS B 149 9.18 -19.33 -14.60
C LYS B 149 10.08 -19.17 -13.37
N ASP B 150 10.03 -18.00 -12.74
CA ASP B 150 10.87 -17.77 -11.58
C ASP B 150 10.28 -18.21 -10.25
N SER B 151 9.09 -18.81 -10.26
CA SER B 151 8.49 -19.25 -8.99
C SER B 151 8.95 -20.64 -8.58
N SER B 152 8.98 -20.92 -7.28
CA SER B 152 9.44 -22.23 -6.78
C SER B 152 8.87 -22.59 -5.41
N GLY B 153 9.01 -23.88 -5.06
CA GLY B 153 8.51 -24.35 -3.79
C GLY B 153 7.00 -24.57 -3.79
N VAL B 154 6.31 -24.06 -2.78
CA VAL B 154 4.87 -24.22 -2.71
C VAL B 154 4.20 -23.06 -3.42
N ILE B 155 3.50 -23.38 -4.51
CA ILE B 155 2.80 -22.40 -5.31
C ILE B 155 1.42 -22.18 -4.72
N HIS B 156 1.05 -20.92 -4.48
CA HIS B 156 -0.26 -20.61 -3.93
C HIS B 156 -1.08 -19.85 -4.98
N VAL B 157 -2.39 -20.12 -5.01
CA VAL B 157 -3.28 -19.48 -5.98
C VAL B 157 -4.56 -19.03 -5.30
N MET B 158 -4.91 -17.76 -5.44
CA MET B 158 -6.16 -17.26 -4.84
C MET B 158 -7.22 -17.03 -5.93
N LEU B 159 -8.33 -17.77 -5.81
CA LEU B 159 -9.44 -17.65 -6.76
C LEU B 159 -10.71 -17.14 -6.08
N ASN B 160 -11.56 -16.51 -6.88
CA ASN B 160 -12.81 -15.96 -6.38
C ASN B 160 -13.94 -16.96 -6.58
N GLY B 161 -14.36 -17.61 -5.49
CA GLY B 161 -15.42 -18.59 -5.56
C GLY B 161 -16.82 -17.99 -5.71
N SER B 162 -16.92 -16.67 -5.72
CA SER B 162 -18.19 -16.00 -5.86
C SER B 162 -18.31 -15.38 -7.26
N GLU B 163 -17.34 -15.69 -8.11
CA GLU B 163 -17.33 -15.20 -9.48
C GLU B 163 -18.42 -15.91 -10.28
N PRO B 164 -19.44 -15.17 -10.74
CA PRO B 164 -20.55 -15.72 -11.52
C PRO B 164 -20.18 -16.80 -12.53
N THR B 165 -19.12 -16.57 -13.30
CA THR B 165 -18.71 -17.53 -14.32
C THR B 165 -17.77 -18.64 -13.90
N GLY B 166 -17.57 -18.81 -12.60
CA GLY B 166 -16.68 -19.86 -12.13
C GLY B 166 -15.36 -19.38 -11.56
N ALA B 167 -14.82 -20.15 -10.62
CA ALA B 167 -13.57 -19.83 -9.95
C ALA B 167 -12.35 -19.81 -10.85
N TYR B 168 -12.25 -20.82 -11.72
CA TYR B 168 -11.12 -20.94 -12.63
C TYR B 168 -11.40 -20.60 -14.10
N PRO B 169 -11.02 -19.41 -14.54
CA PRO B 169 -11.23 -18.96 -15.92
C PRO B 169 -10.34 -19.81 -16.80
N ILE B 170 -10.92 -20.60 -17.72
CA ILE B 170 -10.08 -21.45 -18.57
C ILE B 170 -9.40 -20.68 -19.69
N LYS B 171 -9.71 -19.39 -19.82
CA LYS B 171 -9.09 -18.59 -20.87
C LYS B 171 -8.39 -17.33 -20.36
N GLY B 172 -8.05 -17.31 -19.08
CA GLY B 172 -7.37 -16.16 -18.51
C GLY B 172 -5.85 -16.26 -18.48
N PHE B 173 -5.21 -15.30 -17.82
CA PHE B 173 -3.77 -15.26 -17.70
C PHE B 173 -3.19 -16.46 -16.95
N PHE B 174 -3.86 -16.87 -15.88
CA PHE B 174 -3.38 -17.99 -15.10
C PHE B 174 -3.33 -19.26 -15.93
N ALA B 175 -4.44 -19.54 -16.61
CA ALA B 175 -4.56 -20.72 -17.45
C ALA B 175 -3.73 -20.69 -18.72
N ASP B 176 -3.68 -19.53 -19.39
CA ASP B 176 -2.95 -19.45 -20.64
C ASP B 176 -1.50 -19.03 -20.60
N TYR B 177 -1.09 -18.29 -19.57
CA TYR B 177 0.30 -17.88 -19.53
C TYR B 177 1.11 -18.23 -18.28
N GLU B 178 0.46 -18.72 -17.23
CA GLU B 178 1.20 -19.05 -16.03
C GLU B 178 1.34 -20.55 -15.76
N ILE B 179 0.23 -21.29 -15.81
CA ILE B 179 0.26 -22.72 -15.58
C ILE B 179 1.23 -23.43 -16.55
N PRO B 180 1.19 -23.06 -17.84
CA PRO B 180 2.09 -23.69 -18.82
C PRO B 180 3.57 -23.42 -18.54
N ASN B 181 3.87 -22.36 -17.81
CA ASN B 181 5.26 -22.01 -17.53
C ASN B 181 5.82 -22.38 -16.16
N LEU B 182 5.04 -23.07 -15.34
CA LEU B 182 5.52 -23.48 -14.02
C LEU B 182 6.63 -24.52 -14.24
N GLN B 183 7.66 -24.49 -13.42
CA GLN B 183 8.77 -25.44 -13.53
C GLN B 183 8.58 -26.55 -12.49
N LYS B 184 7.89 -27.62 -12.88
CA LYS B 184 7.62 -28.73 -11.97
C LYS B 184 8.86 -29.16 -11.20
N GLU B 185 9.99 -29.19 -11.89
CA GLU B 185 11.25 -29.58 -11.26
C GLU B 185 11.54 -28.81 -9.96
N LYS B 186 11.16 -27.53 -9.90
CA LYS B 186 11.42 -26.77 -8.69
C LYS B 186 10.17 -26.41 -7.90
N ILE B 187 9.09 -27.14 -8.15
CA ILE B 187 7.83 -26.92 -7.47
C ILE B 187 7.51 -28.14 -6.62
N THR B 188 7.14 -27.93 -5.37
CA THR B 188 6.83 -29.05 -4.49
C THR B 188 5.35 -29.44 -4.58
N ARG B 189 4.46 -28.47 -4.43
CA ARG B 189 3.03 -28.74 -4.54
C ARG B 189 2.29 -27.46 -4.88
N ILE B 190 1.03 -27.59 -5.27
CA ILE B 190 0.23 -26.42 -5.61
C ILE B 190 -1.00 -26.44 -4.69
N GLU B 191 -1.25 -25.29 -4.07
CA GLU B 191 -2.35 -25.14 -3.13
C GLU B 191 -3.24 -24.00 -3.63
N ILE B 192 -4.55 -24.25 -3.66
CA ILE B 192 -5.49 -23.26 -4.14
C ILE B 192 -6.31 -22.72 -2.97
N TRP B 193 -6.70 -21.45 -3.04
CA TRP B 193 -7.54 -20.84 -2.01
C TRP B 193 -8.78 -20.30 -2.72
N VAL B 194 -9.90 -21.00 -2.60
CA VAL B 194 -11.13 -20.56 -3.23
C VAL B 194 -11.86 -19.67 -2.22
N MET B 195 -11.80 -18.36 -2.41
CA MET B 195 -12.43 -17.42 -1.49
C MET B 195 -13.84 -17.00 -1.89
N HIS B 196 -14.68 -16.79 -0.87
CA HIS B 196 -16.03 -16.34 -1.11
C HIS B 196 -16.27 -15.05 -0.37
N GLU B 197 -17.10 -14.20 -0.94
CA GLU B 197 -17.44 -12.92 -0.36
C GLU B 197 -18.17 -13.20 0.95
N ILE B 198 -17.97 -12.35 1.96
CA ILE B 198 -18.65 -12.58 3.21
C ILE B 198 -20.13 -12.64 2.88
N GLY B 199 -20.79 -13.71 3.31
CA GLY B 199 -22.20 -13.87 3.00
C GLY B 199 -22.39 -14.14 1.53
N GLY B 200 -21.65 -13.38 0.70
CA GLY B 200 -21.70 -13.50 -0.76
C GLY B 200 -21.97 -14.92 -1.23
N PRO B 201 -22.38 -15.09 -2.49
CA PRO B 201 -22.69 -16.39 -3.09
C PRO B 201 -21.57 -17.41 -3.18
N ASN B 202 -21.92 -18.67 -2.98
CA ASN B 202 -20.96 -19.76 -3.09
C ASN B 202 -21.14 -20.34 -4.49
N VAL B 203 -20.80 -19.55 -5.51
CA VAL B 203 -20.95 -20.00 -6.88
C VAL B 203 -20.21 -21.31 -7.08
N GLU B 204 -18.98 -21.38 -6.57
CA GLU B 204 -18.17 -22.58 -6.69
C GLU B 204 -17.21 -22.74 -5.53
N SER B 205 -16.99 -23.99 -5.13
CA SER B 205 -16.06 -24.31 -4.06
C SER B 205 -15.11 -25.39 -4.55
N CYS B 206 -14.14 -25.75 -3.70
CA CYS B 206 -13.18 -26.76 -4.09
C CYS B 206 -13.94 -27.96 -4.62
N GLY B 207 -13.44 -28.54 -5.71
CA GLY B 207 -14.06 -29.70 -6.32
C GLY B 207 -15.36 -29.48 -7.08
N GLU B 208 -15.69 -28.24 -7.43
CA GLU B 208 -16.93 -27.97 -8.15
C GLU B 208 -16.69 -27.16 -9.43
N GLY B 209 -17.50 -27.44 -10.44
CA GLY B 209 -17.39 -26.74 -11.71
C GLY B 209 -15.98 -26.60 -12.25
N SER B 210 -15.61 -25.36 -12.57
CA SER B 210 -14.29 -25.05 -13.10
C SER B 210 -13.16 -25.61 -12.23
N MET B 211 -13.38 -25.65 -10.92
CA MET B 211 -12.37 -26.19 -10.03
C MET B 211 -12.03 -27.63 -10.42
N LYS B 212 -13.03 -28.38 -10.87
CA LYS B 212 -12.79 -29.76 -11.29
C LYS B 212 -11.81 -29.73 -12.46
N VAL B 213 -12.02 -28.80 -13.38
CA VAL B 213 -11.17 -28.65 -14.54
C VAL B 213 -9.72 -28.34 -14.13
N LEU B 214 -9.55 -27.32 -13.27
CA LEU B 214 -8.22 -26.92 -12.81
C LEU B 214 -7.47 -28.05 -12.13
N GLU B 215 -8.15 -28.70 -11.19
CA GLU B 215 -7.55 -29.81 -10.46
C GLU B 215 -7.10 -30.92 -11.41
N LYS B 216 -7.95 -31.27 -12.36
CA LYS B 216 -7.62 -32.32 -13.30
C LYS B 216 -6.47 -31.91 -14.20
N ARG B 217 -6.42 -30.64 -14.60
CA ARG B 217 -5.32 -30.22 -15.45
C ARG B 217 -3.99 -30.28 -14.68
N LEU B 218 -3.98 -29.76 -13.46
CA LEU B 218 -2.77 -29.76 -12.65
C LEU B 218 -2.34 -31.20 -12.35
N LYS B 219 -3.30 -32.07 -12.02
CA LYS B 219 -2.94 -33.45 -11.76
C LYS B 219 -2.43 -34.15 -13.02
N ASP B 220 -2.98 -33.80 -14.19
CA ASP B 220 -2.52 -34.40 -15.43
C ASP B 220 -1.10 -33.98 -15.77
N MET B 221 -0.68 -32.82 -15.26
CA MET B 221 0.65 -32.31 -15.50
C MET B 221 1.67 -32.90 -14.52
N GLY B 222 1.16 -33.61 -13.52
CA GLY B 222 2.02 -34.25 -12.54
C GLY B 222 2.28 -33.52 -11.24
N PHE B 223 1.51 -32.46 -10.96
CA PHE B 223 1.69 -31.69 -9.75
C PHE B 223 0.90 -32.29 -8.60
N GLN B 224 1.35 -32.03 -7.38
CA GLN B 224 0.63 -32.48 -6.19
C GLN B 224 -0.34 -31.33 -6.03
N TYR B 225 -1.57 -31.63 -5.64
CA TYR B 225 -2.60 -30.61 -5.54
C TYR B 225 -3.40 -30.66 -4.26
N SER B 226 -3.91 -29.51 -3.83
CA SER B 226 -4.77 -29.42 -2.64
C SER B 226 -5.54 -28.13 -2.81
N CYS B 227 -6.74 -28.07 -2.25
CA CYS B 227 -7.57 -26.88 -2.38
C CYS B 227 -8.22 -26.56 -1.04
N ILE B 228 -8.24 -25.28 -0.68
CA ILE B 228 -8.82 -24.85 0.58
C ILE B 228 -9.93 -23.82 0.35
N ASN B 229 -11.07 -24.01 1.01
CA ASN B 229 -12.17 -23.08 0.88
C ASN B 229 -12.02 -21.98 1.92
N ASP B 230 -12.06 -20.74 1.47
CA ASP B 230 -11.99 -19.63 2.37
C ASP B 230 -10.83 -19.71 3.35
N TYR B 231 -9.61 -19.85 2.81
CA TYR B 231 -8.39 -19.92 3.61
C TYR B 231 -8.48 -18.88 4.74
N ARG B 232 -8.32 -19.37 5.97
CA ARG B 232 -8.44 -18.54 7.17
C ARG B 232 -7.81 -17.14 7.21
N PRO B 233 -6.50 -17.04 7.01
CA PRO B 233 -5.88 -15.71 7.05
C PRO B 233 -6.56 -14.69 6.13
N VAL B 234 -6.90 -15.13 4.92
CA VAL B 234 -7.56 -14.23 3.97
C VAL B 234 -8.99 -13.95 4.39
N LYS B 235 -9.63 -14.94 5.02
CA LYS B 235 -11.00 -14.78 5.50
C LYS B 235 -11.01 -13.63 6.52
N LEU B 236 -10.09 -13.71 7.48
CA LEU B 236 -9.96 -12.69 8.50
C LEU B 236 -9.80 -11.30 7.86
N LEU B 237 -8.98 -11.21 6.82
CA LEU B 237 -8.77 -9.93 6.14
C LEU B 237 -10.09 -9.44 5.52
N GLN B 238 -10.87 -10.35 4.95
CA GLN B 238 -12.16 -9.98 4.37
C GLN B 238 -13.06 -9.48 5.50
N CYS B 239 -12.97 -10.15 6.63
CA CYS B 239 -13.78 -9.83 7.79
C CYS B 239 -13.58 -8.43 8.37
N VAL B 240 -12.41 -7.85 8.15
CA VAL B 240 -12.13 -6.50 8.62
C VAL B 240 -13.27 -5.55 8.22
N ASP B 241 -13.89 -5.79 7.07
CA ASP B 241 -14.99 -4.95 6.59
C ASP B 241 -16.38 -5.49 6.86
N HIS B 242 -16.46 -6.54 7.68
CA HIS B 242 -17.73 -7.16 8.03
C HIS B 242 -17.61 -7.70 9.45
N SER B 243 -16.98 -6.92 10.32
CA SER B 243 -16.77 -7.30 11.71
C SER B 243 -18.00 -7.81 12.47
N THR B 244 -19.18 -7.32 12.12
CA THR B 244 -20.42 -7.71 12.80
C THR B 244 -21.17 -8.91 12.19
N HIS B 245 -20.79 -9.29 10.98
CA HIS B 245 -21.42 -10.41 10.28
C HIS B 245 -21.10 -11.75 10.96
N PRO B 246 -22.08 -12.67 11.05
CA PRO B 246 -21.89 -13.98 11.68
C PRO B 246 -20.70 -14.82 11.17
N ASP B 247 -20.34 -14.69 9.90
CA ASP B 247 -19.21 -15.44 9.35
C ASP B 247 -17.92 -14.92 9.99
N CYS B 248 -17.99 -13.71 10.54
CA CYS B 248 -16.83 -13.06 11.13
C CYS B 248 -16.83 -12.95 12.65
N ALA B 249 -17.76 -13.61 13.32
CA ALA B 249 -17.81 -13.55 14.78
C ALA B 249 -16.66 -14.33 15.38
N LEU B 250 -16.01 -13.76 16.40
CA LEU B 250 -14.90 -14.43 17.07
C LEU B 250 -15.39 -15.27 18.25
N LYS B 251 -14.64 -16.33 18.55
CA LYS B 251 -14.98 -17.24 19.63
C LYS B 251 -14.64 -16.66 21.00
#